data_8E15
#
_entry.id   8E15
#
_cell.length_a   178.191
_cell.length_b   178.191
_cell.length_c   178.191
_cell.angle_alpha   90.000
_cell.angle_beta   90.000
_cell.angle_gamma   90.000
#
_symmetry.space_group_name_H-M   'I 21 3'
#
loop_
_entity.id
_entity.type
_entity.pdbx_description
1 polymer 'F2 protein'
2 polymer 'F1 protein with Fibritin peptide'
3 branched beta-D-mannopyranose-(1-4)-2-acetamido-2-deoxy-beta-D-glucopyranose-(1-4)-2-acetamido-2-deoxy-beta-D-glucopyranose
4 non-polymer 2-acetamido-2-deoxy-beta-D-glucopyranose
5 water water
#
loop_
_entity_poly.entity_id
_entity_poly.type
_entity_poly.pdbx_seq_one_letter_code
_entity_poly.pdbx_strand_id
1 'polypeptide(L)'
;MSWKVVIIFSLLITPQHGLKESYLEESCSTITEGYLSVLRTGWYTNVFTLEVGDVENLTCADGPSLIKTELDLTKSALRE
LRTVSADQLNREEQIENPRRRR
;
F
2 'polypeptide(L)'
;FVLGAIALGVAEAAAVTAGVAIAKTIRDESEVTAIKNALKKTNEAVSTLGNGVRVLLTAVRELKDFVSKNLTRAINKNKC
DIPDLKMAVSFSQFNRRFLNIVRQFSDNAGITPAISLDLMTDAELARAVSNMPTSAGQIKLMLENRAMVRRKGFGILIGV
YGSSVIYMVQLPIFGVIDTPCWIVKAAPSCSEKKGNYACLLREDQGWYCQNAGSTVYYPNEKDCETRGDHVFCDTAAGIN
VAEQSKECNINISTTNYPCKVSTGRHPISMVALSPLGALVACYKGVSCSIGSNRVGIIKQLNKGCSYITNQDADTVTIDN
TVYQLSKQEGEQHVIKGRPVSSSFDPDKFPEDQFNVALDQVFESIENSQALVDQSNRILSSAEKGNTGSGYIPEAPRDGQ
AYVRKDGEWVLLSTFLHHHHHH
;
G
#
loop_
_chem_comp.id
_chem_comp.type
_chem_comp.name
_chem_comp.formula
BMA D-saccharide, beta linking beta-D-mannopyranose 'C6 H12 O6'
NAG D-saccharide, beta linking 2-acetamido-2-deoxy-beta-D-glucopyranose 'C8 H15 N O6'
#
# COMPACT_ATOMS: atom_id res chain seq x y z
N LEU A 19 -22.89 1.81 -4.18
CA LEU A 19 -22.51 0.70 -3.31
C LEU A 19 -23.73 0.01 -2.79
N LYS A 20 -23.65 -1.31 -2.66
CA LYS A 20 -24.79 -2.13 -2.24
C LYS A 20 -24.27 -3.14 -1.24
N GLU A 21 -24.75 -3.06 0.00
CA GLU A 21 -24.34 -3.97 1.06
C GLU A 21 -25.45 -4.96 1.35
N SER A 22 -25.10 -6.24 1.40
CA SER A 22 -26.05 -7.28 1.75
C SER A 22 -25.57 -7.95 3.02
N TYR A 23 -26.45 -8.01 4.02
CA TYR A 23 -26.21 -8.71 5.27
C TYR A 23 -26.69 -10.14 5.12
N LEU A 24 -25.80 -11.09 5.32
CA LEU A 24 -26.10 -12.50 5.12
C LEU A 24 -26.38 -13.10 6.50
N GLU A 25 -27.68 -13.16 6.84
CA GLU A 25 -28.09 -13.60 8.17
C GLU A 25 -27.60 -15.02 8.48
N GLU A 26 -27.39 -15.84 7.46
CA GLU A 26 -27.02 -17.23 7.75
C GLU A 26 -25.61 -17.37 8.29
N SER A 27 -24.78 -16.34 8.22
CA SER A 27 -23.38 -16.49 8.61
C SER A 27 -22.82 -15.28 9.35
N CYS A 28 -23.66 -14.33 9.76
CA CYS A 28 -23.22 -13.12 10.47
C CYS A 28 -22.09 -12.40 9.72
N SER A 29 -22.37 -12.10 8.45
CA SER A 29 -21.39 -11.52 7.56
C SER A 29 -22.09 -10.52 6.65
N THR A 30 -21.30 -9.68 6.01
CA THR A 30 -21.83 -8.77 5.01
C THR A 30 -20.96 -8.86 3.77
N ILE A 31 -21.55 -8.61 2.62
CA ILE A 31 -20.82 -8.43 1.38
C ILE A 31 -21.24 -7.10 0.84
N THR A 32 -20.27 -6.28 0.46
CA THR A 32 -20.56 -5.00 -0.14
C THR A 32 -19.97 -4.96 -1.54
N GLU A 33 -20.81 -4.62 -2.51
CA GLU A 33 -20.45 -4.66 -3.91
C GLU A 33 -20.57 -3.25 -4.48
N GLY A 34 -20.12 -3.09 -5.72
CA GLY A 34 -20.17 -1.81 -6.38
C GLY A 34 -18.86 -1.06 -6.42
N TYR A 35 -17.82 -1.63 -5.83
CA TYR A 35 -16.51 -0.99 -5.89
C TYR A 35 -15.87 -1.21 -7.25
N LEU A 36 -15.02 -0.26 -7.63
CA LEU A 36 -14.29 -0.30 -8.88
C LEU A 36 -12.80 -0.47 -8.61
N SER A 37 -12.18 -1.42 -9.31
CA SER A 37 -10.77 -1.75 -9.05
C SER A 37 -9.82 -0.68 -9.57
N VAL A 38 -8.67 -0.58 -8.92
CA VAL A 38 -7.50 0.09 -9.48
C VAL A 38 -6.35 -0.84 -9.11
N LEU A 39 -5.93 -1.68 -10.03
CA LEU A 39 -5.04 -2.77 -9.71
C LEU A 39 -3.63 -2.44 -10.18
N ARG A 40 -2.64 -2.60 -9.29
CA ARG A 40 -1.25 -2.47 -9.74
C ARG A 40 -0.87 -3.71 -10.52
N THR A 41 -0.54 -3.53 -11.80
CA THR A 41 -0.18 -4.64 -12.69
C THR A 41 1.28 -4.64 -13.10
N GLY A 42 2.03 -3.57 -12.86
CA GLY A 42 3.40 -3.52 -13.31
C GLY A 42 4.14 -2.40 -12.61
N TRP A 43 5.42 -2.27 -12.92
CA TRP A 43 6.25 -1.17 -12.44
C TRP A 43 6.84 -0.44 -13.64
N TYR A 44 6.87 0.88 -13.56
CA TYR A 44 7.57 1.70 -14.54
C TYR A 44 8.77 2.32 -13.85
N THR A 45 9.92 2.30 -14.52
CA THR A 45 11.18 2.73 -13.94
C THR A 45 11.59 4.07 -14.52
N ASN A 46 11.86 5.04 -13.66
CA ASN A 46 12.31 6.36 -14.05
C ASN A 46 13.68 6.54 -13.40
N VAL A 47 14.73 6.37 -14.20
CA VAL A 47 16.11 6.57 -13.72
C VAL A 47 16.42 8.06 -13.69
N PHE A 48 17.01 8.51 -12.58
CA PHE A 48 17.44 9.90 -12.40
C PHE A 48 18.95 9.99 -12.36
N THR A 49 19.49 11.03 -12.97
CA THR A 49 20.88 11.42 -12.80
C THR A 49 20.89 12.84 -12.26
N LEU A 50 21.24 12.99 -10.99
CA LEU A 50 21.32 14.33 -10.39
C LEU A 50 22.78 14.74 -10.42
N GLU A 51 23.09 15.79 -11.18
CA GLU A 51 24.45 16.30 -11.32
C GLU A 51 24.72 17.28 -10.19
N VAL A 52 25.76 17.00 -9.40
CA VAL A 52 26.13 17.87 -8.29
C VAL A 52 27.14 18.93 -8.71
N GLY A 53 27.95 18.65 -9.71
CA GLY A 53 28.98 19.56 -10.12
C GLY A 53 30.24 19.36 -9.29
N ASP A 54 31.31 19.98 -9.76
CA ASP A 54 32.61 19.72 -9.15
C ASP A 54 32.72 20.57 -7.89
N VAL A 55 32.11 20.07 -6.82
CA VAL A 55 32.28 20.77 -5.56
C VAL A 55 33.48 20.27 -4.80
N GLU A 56 34.13 19.20 -5.25
CA GLU A 56 35.25 18.68 -4.50
C GLU A 56 36.58 19.34 -4.89
N ASN A 57 36.63 20.12 -5.96
CA ASN A 57 37.77 20.99 -6.23
C ASN A 57 37.61 22.38 -5.62
N LEU A 58 36.60 22.58 -4.78
CA LEU A 58 36.33 23.87 -4.17
C LEU A 58 36.77 23.84 -2.72
N THR A 59 37.56 24.83 -2.31
CA THR A 59 38.08 24.93 -0.95
C THR A 59 37.92 26.34 -0.40
N CYS A 60 37.52 26.43 0.87
CA CYS A 60 37.38 27.71 1.58
C CYS A 60 38.50 27.79 2.61
N ALA A 61 39.45 28.70 2.37
CA ALA A 61 40.62 28.86 3.23
C ALA A 61 40.46 29.98 4.26
N ASP A 62 39.44 30.81 4.17
CA ASP A 62 39.31 32.03 4.95
C ASP A 62 38.43 31.85 6.19
N GLY A 63 38.45 30.67 6.80
CA GLY A 63 37.75 30.44 8.05
C GLY A 63 36.23 30.37 7.91
N PRO A 64 35.54 30.37 9.05
CA PRO A 64 34.07 30.28 9.04
C PRO A 64 33.42 31.24 8.07
N SER A 65 32.51 30.70 7.26
CA SER A 65 31.74 31.44 6.28
C SER A 65 30.41 30.71 6.08
N LEU A 66 29.38 31.48 5.70
CA LEU A 66 28.12 30.85 5.31
C LEU A 66 28.34 29.94 4.11
N ILE A 67 29.05 30.42 3.11
CA ILE A 67 29.33 29.59 1.94
C ILE A 67 30.16 28.38 2.33
N LYS A 68 31.05 28.54 3.30
CA LYS A 68 31.87 27.40 3.68
C LYS A 68 31.01 26.29 4.28
N THR A 69 30.09 26.64 5.18
CA THR A 69 29.30 25.59 5.79
C THR A 69 28.39 24.91 4.76
N GLU A 70 27.73 25.70 3.91
CA GLU A 70 26.88 25.11 2.86
C GLU A 70 27.69 24.18 1.96
N LEU A 71 28.88 24.62 1.57
CA LEU A 71 29.72 23.78 0.74
C LEU A 71 30.15 22.52 1.49
N ASP A 72 30.45 22.64 2.77
CA ASP A 72 30.90 21.47 3.51
C ASP A 72 29.76 20.48 3.73
N LEU A 73 28.54 20.99 3.95
CA LEU A 73 27.36 20.12 3.94
C LEU A 73 27.32 19.31 2.66
N THR A 74 27.56 19.99 1.53
CA THR A 74 27.46 19.36 0.21
C THR A 74 28.55 18.32 0.02
N LYS A 75 29.78 18.62 0.42
CA LYS A 75 30.86 17.66 0.26
C LYS A 75 30.66 16.45 1.15
N SER A 76 30.31 16.67 2.42
CA SER A 76 30.16 15.54 3.32
C SER A 76 28.94 14.69 2.95
N ALA A 77 27.87 15.32 2.47
CA ALA A 77 26.75 14.55 1.92
C ALA A 77 27.19 13.74 0.70
N LEU A 78 27.98 14.34 -0.18
CA LEU A 78 28.44 13.59 -1.35
C LEU A 78 29.28 12.40 -0.94
N ARG A 79 30.15 12.56 0.05
CA ARG A 79 31.01 11.46 0.47
C ARG A 79 30.20 10.37 1.17
N GLU A 80 29.32 10.76 2.08
CA GLU A 80 28.50 9.77 2.80
C GLU A 80 27.74 8.88 1.84
N LEU A 81 27.24 9.46 0.73
CA LEU A 81 26.41 8.73 -0.21
C LEU A 81 27.12 7.53 -0.83
N ARG A 82 28.45 7.54 -0.92
CA ARG A 82 29.11 6.41 -1.54
C ARG A 82 29.27 5.20 -0.62
N THR A 83 29.14 5.38 0.69
CA THR A 83 29.10 4.24 1.60
C THR A 83 27.73 3.57 1.66
N VAL A 84 26.72 4.15 0.99
CA VAL A 84 25.38 3.58 0.95
C VAL A 84 25.31 2.60 -0.21
N SER A 85 24.71 1.43 0.03
CA SER A 85 24.56 0.44 -1.04
C SER A 85 23.25 -0.32 -0.86
N ALA A 86 22.48 -0.38 -1.95
CA ALA A 86 21.24 -1.13 -1.95
C ALA A 86 21.41 -2.58 -2.37
N ASP A 87 22.51 -2.97 -3.02
CA ASP A 87 22.69 -4.37 -3.39
C ASP A 87 23.89 -5.05 -2.74
N GLN A 88 25.13 -4.69 -3.07
CA GLN A 88 26.26 -5.50 -2.63
C GLN A 88 26.95 -4.82 -1.46
N LEU A 89 27.51 -5.64 -0.57
CA LEU A 89 28.31 -5.11 0.53
C LEU A 89 29.56 -4.47 -0.01
N ASN A 90 29.90 -3.28 0.51
CA ASN A 90 31.18 -2.66 0.18
C ASN A 90 32.30 -3.33 0.97
N ARG A 91 33.26 -3.92 0.26
CA ARG A 91 34.51 -4.40 0.83
C ARG A 91 35.60 -3.54 0.18
N GLU A 92 36.07 -2.51 0.89
CA GLU A 92 37.06 -1.57 0.35
C GLU A 92 38.49 -2.05 0.62
N PHE B 1 -4.97 -24.91 5.20
CA PHE B 1 -4.13 -23.73 4.98
C PHE B 1 -4.76 -22.47 5.56
N VAL B 2 -3.95 -21.49 5.92
CA VAL B 2 -4.42 -20.17 6.33
C VAL B 2 -4.04 -19.21 5.21
N LEU B 3 -5.00 -18.86 4.35
CA LEU B 3 -4.68 -18.09 3.15
C LEU B 3 -3.98 -16.77 3.48
N GLY B 4 -4.44 -16.09 4.52
CA GLY B 4 -3.79 -14.84 4.90
C GLY B 4 -2.32 -15.02 5.21
N ALA B 5 -1.98 -16.10 5.92
CA ALA B 5 -0.59 -16.32 6.28
C ALA B 5 0.26 -16.67 5.05
N ILE B 6 -0.33 -17.35 4.07
CA ILE B 6 0.39 -17.63 2.84
C ILE B 6 0.71 -16.33 2.08
N ALA B 7 -0.26 -15.44 1.96
CA ALA B 7 -0.09 -14.26 1.13
C ALA B 7 0.70 -13.16 1.82
N LEU B 8 0.84 -13.22 3.14
CA LEU B 8 1.45 -12.13 3.90
C LEU B 8 2.89 -11.88 3.46
N GLY B 9 3.21 -10.61 3.22
CA GLY B 9 4.54 -10.20 2.85
C GLY B 9 4.91 -10.45 1.41
N VAL B 10 4.02 -11.04 0.61
CA VAL B 10 4.43 -11.43 -0.73
C VAL B 10 4.61 -10.21 -1.62
N ALA B 11 3.67 -9.27 -1.57
CA ALA B 11 3.74 -8.10 -2.47
C ALA B 11 4.97 -7.26 -2.21
N GLU B 12 5.32 -7.05 -0.94
CA GLU B 12 6.51 -6.26 -0.63
C GLU B 12 7.79 -6.95 -1.12
N ALA B 13 7.88 -8.25 -0.91
CA ALA B 13 9.05 -8.98 -1.40
C ALA B 13 9.12 -8.94 -2.92
N ALA B 14 7.97 -9.11 -3.60
CA ALA B 14 7.98 -9.09 -5.05
C ALA B 14 8.35 -7.71 -5.57
N ALA B 15 7.88 -6.65 -4.93
CA ALA B 15 8.22 -5.32 -5.39
C ALA B 15 9.72 -5.07 -5.28
N VAL B 16 10.32 -5.47 -4.16
CA VAL B 16 11.75 -5.25 -3.97
C VAL B 16 12.55 -6.11 -4.95
N THR B 17 12.14 -7.37 -5.14
CA THR B 17 12.79 -8.19 -6.15
C THR B 17 12.75 -7.50 -7.51
N ALA B 18 11.58 -7.01 -7.91
CA ALA B 18 11.46 -6.38 -9.22
C ALA B 18 12.40 -5.21 -9.32
N GLY B 19 12.41 -4.35 -8.30
CA GLY B 19 13.26 -3.17 -8.33
C GLY B 19 14.74 -3.49 -8.26
N VAL B 20 15.10 -4.45 -7.41
CA VAL B 20 16.52 -4.75 -7.27
C VAL B 20 17.05 -5.39 -8.56
N ALA B 21 16.23 -6.21 -9.22
CA ALA B 21 16.69 -6.84 -10.44
C ALA B 21 17.00 -5.81 -11.52
N ILE B 22 16.14 -4.80 -11.70
CA ILE B 22 16.42 -3.73 -12.67
C ILE B 22 17.64 -2.94 -12.24
N ALA B 23 17.75 -2.62 -10.95
CA ALA B 23 18.92 -1.90 -10.45
C ALA B 23 20.20 -2.65 -10.78
N LYS B 24 20.17 -3.98 -10.79
CA LYS B 24 21.36 -4.74 -11.15
C LYS B 24 21.78 -4.45 -12.58
N THR B 25 20.82 -4.34 -13.49
CA THR B 25 21.15 -4.00 -14.87
C THR B 25 21.73 -2.59 -14.97
N ILE B 26 21.05 -1.61 -14.38
CA ILE B 26 21.50 -0.22 -14.44
C ILE B 26 22.85 -0.01 -13.78
N ARG B 27 23.24 -0.85 -12.82
CA ARG B 27 24.44 -0.52 -12.07
C ARG B 27 25.74 -0.80 -12.82
N ASP B 28 25.68 -1.53 -13.94
CA ASP B 28 26.88 -1.72 -14.73
C ASP B 28 27.41 -0.39 -15.28
N GLU B 29 28.74 -0.30 -15.43
CA GLU B 29 29.38 0.95 -15.85
C GLU B 29 29.04 1.33 -17.28
N SER B 30 28.95 0.35 -18.18
CA SER B 30 28.55 0.60 -19.56
C SER B 30 27.07 0.94 -19.68
N GLU B 31 26.24 0.52 -18.70
CA GLU B 31 24.86 0.98 -18.65
C GLU B 31 24.77 2.43 -18.19
N VAL B 32 25.54 2.77 -17.15
CA VAL B 32 25.55 4.15 -16.68
C VAL B 32 26.05 5.07 -17.78
N THR B 33 27.05 4.64 -18.54
CA THR B 33 27.58 5.52 -19.57
C THR B 33 26.56 5.77 -20.67
N ALA B 34 25.86 4.71 -21.11
CA ALA B 34 24.80 4.89 -22.10
C ALA B 34 23.74 5.85 -21.61
N ILE B 35 23.38 5.75 -20.33
CA ILE B 35 22.38 6.66 -19.77
C ILE B 35 22.87 8.11 -19.79
N LYS B 36 24.14 8.33 -19.43
CA LYS B 36 24.67 9.68 -19.45
C LYS B 36 24.72 10.24 -20.88
N ASN B 37 24.99 9.36 -21.85
CA ASN B 37 24.97 9.77 -23.26
C ASN B 37 23.59 10.24 -23.68
N ALA B 38 22.58 9.41 -23.41
CA ALA B 38 21.23 9.71 -23.88
C ALA B 38 20.73 11.05 -23.35
N LEU B 39 21.26 11.48 -22.22
CA LEU B 39 20.84 12.72 -21.59
C LEU B 39 21.76 13.88 -21.90
N LYS B 40 22.67 13.72 -22.87
CA LYS B 40 23.67 14.76 -23.12
C LYS B 40 23.07 16.00 -23.77
N LYS B 41 21.97 15.85 -24.50
CA LYS B 41 21.37 16.97 -25.20
C LYS B 41 19.97 17.32 -24.68
N THR B 42 19.46 16.57 -23.71
CA THR B 42 18.09 16.75 -23.24
C THR B 42 18.04 16.45 -21.75
N ASN B 43 16.95 16.87 -21.12
CA ASN B 43 16.70 16.55 -19.72
C ASN B 43 15.81 15.34 -19.53
N GLU B 44 15.18 14.85 -20.60
CA GLU B 44 14.35 13.66 -20.51
C GLU B 44 14.56 12.84 -21.76
N ALA B 45 14.64 11.53 -21.58
CA ALA B 45 14.88 10.61 -22.68
C ALA B 45 14.27 9.26 -22.32
N VAL B 46 13.63 8.62 -23.28
CA VAL B 46 13.16 7.25 -23.14
C VAL B 46 14.26 6.35 -23.66
N SER B 47 14.47 5.21 -23.03
CA SER B 47 15.52 4.31 -23.47
C SER B 47 15.19 2.86 -23.11
N THR B 48 15.91 1.93 -23.76
CA THR B 48 15.79 0.51 -23.48
C THR B 48 17.12 0.02 -22.93
N LEU B 49 17.08 -0.63 -21.78
CA LEU B 49 18.30 -1.09 -21.14
C LEU B 49 18.78 -2.39 -21.76
N GLY B 50 20.02 -2.75 -21.43
CA GLY B 50 20.62 -3.95 -22.01
C GLY B 50 19.78 -5.20 -21.82
N ASN B 51 19.01 -5.25 -20.73
CA ASN B 51 18.17 -6.41 -20.46
C ASN B 51 16.79 -6.35 -21.14
N GLY B 52 16.52 -5.34 -21.95
CA GLY B 52 15.31 -5.33 -22.76
C GLY B 52 14.12 -4.56 -22.21
N VAL B 53 14.22 -4.00 -21.00
CA VAL B 53 13.15 -3.22 -20.38
C VAL B 53 13.24 -1.77 -20.82
N ARG B 54 12.08 -1.12 -20.96
CA ARG B 54 12.04 0.27 -21.37
C ARG B 54 11.83 1.18 -20.16
N VAL B 55 12.65 2.23 -20.06
CA VAL B 55 12.66 3.12 -18.91
C VAL B 55 12.69 4.56 -19.36
N LEU B 56 12.31 5.45 -18.44
CA LEU B 56 12.41 6.89 -18.63
C LEU B 56 13.69 7.39 -17.96
N LEU B 57 14.40 8.30 -18.61
CA LEU B 57 15.63 8.85 -18.07
C LEU B 57 15.45 10.36 -17.88
N THR B 58 15.80 10.85 -16.69
CA THR B 58 15.64 12.26 -16.34
C THR B 58 16.96 12.80 -15.79
N ALA B 59 17.27 14.04 -16.13
CA ALA B 59 18.50 14.67 -15.69
C ALA B 59 18.15 15.88 -14.83
N VAL B 60 18.81 15.99 -13.68
CA VAL B 60 18.60 17.10 -12.74
C VAL B 60 19.95 17.81 -12.61
N ARG B 61 20.06 19.02 -13.14
CA ARG B 61 21.37 19.65 -13.24
C ARG B 61 21.46 21.02 -12.60
N GLU B 62 20.42 21.49 -11.93
CA GLU B 62 20.45 22.84 -11.39
C GLU B 62 21.64 23.06 -10.46
N LEU B 63 21.90 22.09 -9.58
CA LEU B 63 22.98 22.29 -8.62
C LEU B 63 24.35 22.25 -9.29
N LYS B 64 24.50 21.45 -10.35
CA LYS B 64 25.76 21.50 -11.09
C LYS B 64 25.92 22.85 -11.79
N ASP B 65 24.84 23.35 -12.39
CA ASP B 65 24.92 24.61 -13.10
C ASP B 65 25.21 25.76 -12.15
N PHE B 66 24.65 25.73 -10.96
CA PHE B 66 24.95 26.79 -10.01
C PHE B 66 26.38 26.70 -9.53
N VAL B 67 26.88 25.47 -9.32
CA VAL B 67 28.25 25.29 -8.85
C VAL B 67 29.23 25.72 -9.93
N SER B 68 28.98 25.30 -11.18
CA SER B 68 29.93 25.61 -12.25
C SER B 68 29.86 27.08 -12.63
N LYS B 69 28.65 27.62 -12.82
CA LYS B 69 28.49 28.92 -13.46
C LYS B 69 28.32 30.07 -12.48
N ASN B 70 28.06 29.82 -11.20
CA ASN B 70 27.93 30.95 -10.28
C ASN B 70 28.88 30.83 -9.10
N LEU B 71 28.83 29.71 -8.39
CA LEU B 71 29.61 29.58 -7.16
C LEU B 71 31.10 29.63 -7.46
N THR B 72 31.55 28.91 -8.49
CA THR B 72 32.98 28.81 -8.76
C THR B 72 33.58 30.15 -9.15
N ARG B 73 32.86 30.94 -9.97
CA ARG B 73 33.30 32.31 -10.26
C ARG B 73 33.52 33.09 -8.98
N ALA B 74 32.52 33.10 -8.10
CA ALA B 74 32.55 33.96 -6.93
C ALA B 74 33.69 33.61 -5.98
N ILE B 75 34.13 32.35 -5.95
CA ILE B 75 35.24 31.95 -5.06
C ILE B 75 36.51 32.00 -5.90
N ASN B 76 37.07 33.21 -6.01
CA ASN B 76 38.38 33.40 -6.60
C ASN B 76 39.42 33.25 -5.49
N LYS B 77 40.38 32.34 -5.69
CA LYS B 77 41.42 32.06 -4.69
C LYS B 77 40.78 31.77 -3.34
N ASN B 78 40.07 30.65 -3.32
CA ASN B 78 39.75 29.94 -2.08
C ASN B 78 39.31 30.87 -0.95
N LYS B 79 38.59 31.94 -1.26
CA LYS B 79 38.09 32.88 -0.25
C LYS B 79 36.57 32.94 -0.34
N CYS B 80 35.90 32.67 0.79
CA CYS B 80 34.45 32.47 0.82
C CYS B 80 33.66 33.41 1.72
N ASP B 81 34.30 34.31 2.45
CA ASP B 81 33.55 35.30 3.23
C ASP B 81 33.25 36.55 2.39
N ILE B 82 32.71 36.31 1.20
CA ILE B 82 32.42 37.36 0.23
C ILE B 82 31.26 38.22 0.74
N PRO B 83 31.12 39.48 0.31
CA PRO B 83 30.01 40.31 0.82
C PRO B 83 28.66 40.09 0.12
N ASP B 84 28.60 39.28 -0.94
CA ASP B 84 27.33 38.93 -1.60
C ASP B 84 26.80 37.66 -0.96
N LEU B 85 25.86 37.83 -0.02
CA LEU B 85 25.24 36.68 0.62
C LEU B 85 24.12 36.07 -0.22
N LYS B 86 23.60 36.80 -1.21
CA LYS B 86 22.72 36.21 -2.22
C LYS B 86 23.34 34.89 -2.67
N MET B 87 24.64 34.93 -2.90
CA MET B 87 25.43 33.75 -3.25
C MET B 87 25.26 32.64 -2.21
N ALA B 88 25.25 33.00 -0.93
CA ALA B 88 25.11 31.99 0.11
C ALA B 88 23.68 31.48 0.21
N VAL B 89 22.69 32.37 0.14
CA VAL B 89 21.30 31.93 0.17
C VAL B 89 20.97 31.10 -1.07
N SER B 90 21.48 31.52 -2.22
CA SER B 90 21.22 30.77 -3.47
C SER B 90 21.71 29.33 -3.29
N PHE B 91 22.94 29.15 -2.83
CA PHE B 91 23.50 27.79 -2.67
C PHE B 91 22.56 26.99 -1.79
N SER B 92 22.17 27.57 -0.65
CA SER B 92 21.34 26.81 0.26
C SER B 92 20.04 26.35 -0.41
N GLN B 93 19.51 27.16 -1.33
CA GLN B 93 18.34 26.73 -2.10
C GLN B 93 18.70 25.65 -3.11
N PHE B 94 19.81 25.84 -3.84
CA PHE B 94 20.13 24.94 -4.93
C PHE B 94 20.58 23.56 -4.46
N ASN B 95 21.05 23.41 -3.22
CA ASN B 95 21.51 22.11 -2.79
C ASN B 95 20.48 21.35 -1.94
N ARG B 96 19.34 21.97 -1.61
CA ARG B 96 18.39 21.34 -0.69
C ARG B 96 17.90 20.00 -1.25
N ARG B 97 17.56 19.95 -2.54
CA ARG B 97 17.10 18.70 -3.11
C ARG B 97 18.15 17.62 -2.94
N PHE B 98 19.40 17.94 -3.28
CA PHE B 98 20.45 16.94 -3.17
C PHE B 98 20.64 16.49 -1.73
N LEU B 99 20.72 17.45 -0.80
CA LEU B 99 20.93 17.10 0.58
C LEU B 99 19.78 16.24 1.11
N ASN B 100 18.55 16.55 0.70
CA ASN B 100 17.40 15.73 1.14
C ASN B 100 17.48 14.31 0.61
N ILE B 101 17.88 14.15 -0.64
CA ILE B 101 18.02 12.81 -1.22
C ILE B 101 19.06 12.01 -0.44
N VAL B 102 20.14 12.67 0.00
CA VAL B 102 21.17 11.94 0.74
C VAL B 102 20.63 11.49 2.09
N ARG B 103 19.88 12.34 2.77
CA ARG B 103 19.30 11.91 4.04
C ARG B 103 18.43 10.68 3.84
N GLN B 104 17.56 10.72 2.82
CA GLN B 104 16.64 9.62 2.61
C GLN B 104 17.36 8.33 2.23
N PHE B 105 18.40 8.42 1.42
CA PHE B 105 19.07 7.17 1.08
C PHE B 105 19.97 6.65 2.21
N SER B 106 20.54 7.52 3.05
CA SER B 106 21.35 7.07 4.18
C SER B 106 20.50 6.46 5.28
N ASP B 107 19.34 7.06 5.55
CA ASP B 107 18.47 6.54 6.60
C ASP B 107 17.97 5.13 6.30
N ASN B 108 17.69 4.85 5.03
CA ASN B 108 17.09 3.58 4.63
C ASN B 108 18.07 2.64 3.96
N ALA B 109 19.37 2.94 4.02
CA ALA B 109 20.41 2.09 3.41
C ALA B 109 20.14 1.82 1.93
N GLY B 110 19.68 2.84 1.20
CA GLY B 110 19.68 2.77 -0.25
C GLY B 110 18.36 2.42 -0.89
N ILE B 111 17.32 2.09 -0.10
CA ILE B 111 16.00 1.71 -0.59
C ILE B 111 14.98 2.50 0.23
N THR B 112 14.42 3.55 -0.35
CA THR B 112 13.43 4.33 0.39
C THR B 112 12.11 3.58 0.42
N PRO B 113 11.29 3.84 1.41
CA PRO B 113 10.00 3.15 1.45
C PRO B 113 8.94 3.80 0.57
N ALA B 114 9.04 5.09 0.28
CA ALA B 114 8.22 5.69 -0.77
C ALA B 114 8.93 6.91 -1.34
N ILE B 115 8.24 7.63 -2.22
CA ILE B 115 8.88 8.56 -3.15
C ILE B 115 8.63 9.99 -2.66
N SER B 116 9.60 10.56 -1.95
CA SER B 116 9.52 11.95 -1.53
C SER B 116 9.49 12.89 -2.72
N LEU B 117 9.11 14.14 -2.44
CA LEU B 117 9.17 15.23 -3.40
C LEU B 117 10.59 15.55 -3.85
N ASP B 118 11.60 15.05 -3.14
CA ASP B 118 12.97 15.26 -3.56
C ASP B 118 13.45 14.18 -4.52
N LEU B 119 12.99 12.94 -4.34
CA LEU B 119 13.28 11.92 -5.35
C LEU B 119 12.62 12.27 -6.67
N MET B 120 11.41 12.86 -6.60
CA MET B 120 10.59 13.09 -7.78
C MET B 120 9.62 14.24 -7.50
N THR B 121 9.78 15.34 -8.23
CA THR B 121 8.88 16.47 -8.09
C THR B 121 7.50 16.12 -8.66
N ASP B 122 6.56 17.02 -8.40
CA ASP B 122 5.23 16.85 -8.98
C ASP B 122 5.31 16.86 -10.50
N ALA B 123 6.14 17.74 -11.07
CA ALA B 123 6.27 17.79 -12.53
C ALA B 123 6.82 16.49 -13.08
N GLU B 124 7.86 15.93 -12.45
CA GLU B 124 8.45 14.69 -12.95
C GLU B 124 7.52 13.51 -12.80
N LEU B 125 6.74 13.48 -11.71
CA LEU B 125 5.78 12.41 -11.54
C LEU B 125 4.75 12.41 -12.66
N ALA B 126 4.26 13.61 -13.03
CA ALA B 126 3.28 13.70 -14.09
C ALA B 126 3.86 13.22 -15.41
N ARG B 127 5.11 13.57 -15.71
CA ARG B 127 5.71 13.10 -16.96
C ARG B 127 5.90 11.58 -16.95
N ALA B 128 6.34 11.03 -15.83
CA ALA B 128 6.55 9.59 -15.76
C ALA B 128 5.22 8.84 -15.91
N VAL B 129 4.16 9.33 -15.26
CA VAL B 129 2.87 8.67 -15.43
C VAL B 129 2.40 8.73 -16.88
N SER B 130 2.55 9.88 -17.53
CA SER B 130 2.13 10.02 -18.93
C SER B 130 2.88 9.08 -19.89
N ASN B 131 4.12 8.69 -19.56
CA ASN B 131 4.87 7.76 -20.42
C ASN B 131 4.61 6.29 -20.12
N MET B 132 3.72 5.96 -19.19
CA MET B 132 3.58 4.57 -18.78
C MET B 132 3.00 3.73 -19.92
N PRO B 133 3.35 2.45 -19.99
CA PRO B 133 2.81 1.56 -21.02
C PRO B 133 1.44 1.01 -20.62
N THR B 134 0.44 1.87 -20.71
CA THR B 134 -0.94 1.49 -20.44
C THR B 134 -1.83 2.45 -21.20
N SER B 135 -3.14 2.26 -21.07
CA SER B 135 -4.12 2.97 -21.89
C SER B 135 -4.50 4.31 -21.27
N ALA B 136 -5.17 5.13 -22.09
CA ALA B 136 -5.41 6.53 -21.74
C ALA B 136 -6.23 6.65 -20.45
N GLY B 137 -7.28 5.85 -20.31
CA GLY B 137 -8.08 5.94 -19.10
C GLY B 137 -7.29 5.63 -17.83
N GLN B 138 -6.42 4.62 -17.90
CA GLN B 138 -5.59 4.32 -16.74
C GLN B 138 -4.66 5.49 -16.45
N ILE B 139 -4.08 6.09 -17.49
CA ILE B 139 -3.18 7.21 -17.27
C ILE B 139 -3.93 8.42 -16.73
N LYS B 140 -5.14 8.69 -17.25
CA LYS B 140 -5.91 9.81 -16.74
C LYS B 140 -6.19 9.64 -15.25
N LEU B 141 -6.65 8.45 -14.85
CA LEU B 141 -6.91 8.20 -13.44
C LEU B 141 -5.65 8.36 -12.61
N MET B 142 -4.51 7.85 -13.10
CA MET B 142 -3.29 8.00 -12.31
C MET B 142 -2.86 9.45 -12.25
N LEU B 143 -3.01 10.20 -13.34
CA LEU B 143 -2.57 11.58 -13.33
C LEU B 143 -3.34 12.40 -12.31
N GLU B 144 -4.65 12.19 -12.24
CA GLU B 144 -5.53 13.00 -11.41
C GLU B 144 -5.52 12.55 -9.96
N ASN B 145 -4.87 11.44 -9.68
CA ASN B 145 -4.77 10.92 -8.34
C ASN B 145 -3.33 10.48 -8.10
N ARG B 146 -2.38 11.29 -8.58
CA ARG B 146 -1.00 10.85 -8.60
C ARG B 146 -0.39 10.72 -7.21
N ALA B 147 -0.99 11.35 -6.19
CA ALA B 147 -0.48 11.11 -4.84
C ALA B 147 -0.55 9.64 -4.50
N MET B 148 -1.53 8.93 -5.07
CA MET B 148 -1.56 7.49 -4.82
C MET B 148 -0.49 6.76 -5.61
N VAL B 149 -0.10 7.25 -6.79
CA VAL B 149 1.06 6.64 -7.47
C VAL B 149 2.29 6.80 -6.60
N ARG B 150 2.48 8.02 -6.08
CA ARG B 150 3.59 8.33 -5.18
C ARG B 150 3.66 7.37 -4.02
N ARG B 151 2.52 7.22 -3.31
CA ARG B 151 2.50 6.48 -2.07
C ARG B 151 2.96 5.05 -2.28
N LYS B 152 2.57 4.44 -3.39
CA LYS B 152 2.82 3.02 -3.58
C LYS B 152 4.11 2.72 -4.32
N GLY B 153 4.87 3.73 -4.73
CA GLY B 153 6.19 3.51 -5.28
C GLY B 153 7.29 3.65 -4.23
N PHE B 154 8.53 3.50 -4.69
CA PHE B 154 9.70 3.65 -3.83
C PHE B 154 10.92 3.95 -4.70
N GLY B 155 12.07 4.09 -4.06
CA GLY B 155 13.27 4.50 -4.77
C GLY B 155 14.45 3.63 -4.37
N ILE B 156 15.42 3.55 -5.28
CA ILE B 156 16.62 2.74 -5.05
C ILE B 156 17.84 3.52 -5.52
N LEU B 157 18.91 3.51 -4.71
CA LEU B 157 20.17 4.17 -5.09
C LEU B 157 20.98 3.26 -6.00
N ILE B 158 21.30 3.75 -7.20
CA ILE B 158 22.19 3.02 -8.09
C ILE B 158 23.64 3.26 -7.68
N GLY B 159 24.01 4.51 -7.47
CA GLY B 159 25.33 4.84 -6.94
C GLY B 159 25.70 6.27 -7.29
N VAL B 160 26.94 6.61 -6.94
CA VAL B 160 27.54 7.90 -7.25
C VAL B 160 28.62 7.66 -8.28
N TYR B 161 28.56 8.39 -9.40
CA TYR B 161 29.47 8.18 -10.52
C TYR B 161 30.04 9.54 -10.90
N GLY B 162 31.29 9.76 -10.51
CA GLY B 162 31.84 11.09 -10.62
C GLY B 162 31.17 11.99 -9.60
N SER B 163 30.70 13.14 -10.07
CA SER B 163 29.86 14.03 -9.28
C SER B 163 28.36 13.77 -9.53
N SER B 164 28.02 12.72 -10.27
CA SER B 164 26.64 12.44 -10.67
C SER B 164 26.03 11.40 -9.75
N VAL B 165 24.87 11.72 -9.19
CA VAL B 165 24.13 10.81 -8.33
C VAL B 165 23.06 10.11 -9.16
N ILE B 166 23.08 8.78 -9.15
CA ILE B 166 22.18 8.00 -9.98
C ILE B 166 21.27 7.15 -9.10
N TYR B 167 19.97 7.36 -9.25
CA TYR B 167 18.99 6.56 -8.55
C TYR B 167 17.84 6.28 -9.49
N MET B 168 17.00 5.30 -9.11
CA MET B 168 15.84 4.92 -9.87
C MET B 168 14.62 4.94 -8.98
N VAL B 169 13.48 5.32 -9.57
CA VAL B 169 12.18 5.35 -8.90
C VAL B 169 11.28 4.33 -9.58
N GLN B 170 10.71 3.43 -8.79
CA GLN B 170 9.74 2.46 -9.29
C GLN B 170 8.35 3.05 -9.10
N LEU B 171 7.67 3.34 -10.22
CA LEU B 171 6.30 3.81 -10.16
C LEU B 171 5.34 2.67 -10.44
N PRO B 172 4.28 2.60 -9.64
CA PRO B 172 3.27 1.55 -9.85
C PRO B 172 2.43 1.85 -11.08
N ILE B 173 2.31 0.86 -11.97
CA ILE B 173 1.43 0.98 -13.12
C ILE B 173 0.09 0.37 -12.73
N PHE B 174 -0.95 1.20 -12.67
CA PHE B 174 -2.30 0.70 -12.40
C PHE B 174 -2.94 0.41 -13.75
N GLY B 175 -2.62 -0.76 -14.29
CA GLY B 175 -3.00 -1.07 -15.65
C GLY B 175 -4.40 -1.60 -15.83
N VAL B 176 -5.16 -1.80 -14.76
CA VAL B 176 -6.52 -2.30 -14.85
C VAL B 176 -7.37 -1.48 -13.91
N ILE B 177 -8.43 -0.87 -14.43
CA ILE B 177 -9.31 -0.07 -13.60
C ILE B 177 -10.75 -0.44 -13.89
N ASP B 178 -11.59 -0.23 -12.88
CA ASP B 178 -13.06 -0.26 -12.98
C ASP B 178 -13.60 -1.65 -13.30
N THR B 179 -12.87 -2.70 -12.93
CA THR B 179 -13.49 -4.01 -12.83
C THR B 179 -14.11 -4.15 -11.44
N PRO B 180 -15.03 -5.10 -11.27
CA PRO B 180 -15.78 -5.19 -10.01
C PRO B 180 -14.93 -5.71 -8.86
N CYS B 181 -15.10 -5.05 -7.72
CA CYS B 181 -14.55 -5.52 -6.45
C CYS B 181 -15.65 -5.57 -5.41
N TRP B 182 -15.41 -6.36 -4.37
CA TRP B 182 -16.34 -6.42 -3.26
C TRP B 182 -15.60 -6.85 -2.01
N ILE B 183 -16.20 -6.57 -0.86
CA ILE B 183 -15.57 -6.83 0.43
C ILE B 183 -16.51 -7.61 1.33
N VAL B 184 -15.97 -8.64 1.97
CA VAL B 184 -16.69 -9.46 2.92
C VAL B 184 -16.18 -9.11 4.31
N LYS B 185 -17.11 -8.79 5.20
CA LYS B 185 -16.84 -8.65 6.62
C LYS B 185 -17.67 -9.69 7.35
N ALA B 186 -17.25 -10.04 8.56
CA ALA B 186 -17.97 -11.05 9.33
C ALA B 186 -17.61 -10.92 10.80
N ALA B 187 -18.48 -11.45 11.64
CA ALA B 187 -18.30 -11.44 13.08
C ALA B 187 -18.75 -12.80 13.59
N PRO B 188 -18.39 -13.17 14.83
CA PRO B 188 -18.71 -14.53 15.30
C PRO B 188 -20.21 -14.77 15.43
N SER B 189 -20.64 -15.91 14.89
CA SER B 189 -22.03 -16.36 14.92
C SER B 189 -22.13 -17.53 15.91
N CYS B 190 -22.82 -17.31 17.02
CA CYS B 190 -22.83 -18.27 18.12
C CYS B 190 -24.27 -18.70 18.41
N SER B 191 -24.43 -20.00 18.65
CA SER B 191 -25.69 -20.57 19.09
C SER B 191 -25.49 -21.16 20.48
N GLU B 192 -26.40 -20.84 21.38
CA GLU B 192 -26.32 -21.32 22.76
C GLU B 192 -27.51 -22.21 23.06
N LYS B 193 -27.22 -23.36 23.68
CA LYS B 193 -28.23 -24.33 24.06
C LYS B 193 -27.80 -24.87 25.42
N LYS B 194 -28.55 -24.52 26.46
CA LYS B 194 -28.28 -25.03 27.81
C LYS B 194 -26.97 -24.44 28.37
N GLY B 195 -26.68 -23.20 28.03
CA GLY B 195 -25.45 -22.59 28.53
C GLY B 195 -24.16 -23.11 27.91
N ASN B 196 -24.25 -24.04 26.95
CA ASN B 196 -23.13 -24.38 26.09
C ASN B 196 -23.29 -23.70 24.74
N TYR B 197 -22.18 -23.55 24.04
CA TYR B 197 -22.14 -22.73 22.84
C TYR B 197 -21.52 -23.50 21.69
N ALA B 198 -22.03 -23.25 20.48
CA ALA B 198 -21.37 -23.62 19.24
C ALA B 198 -21.23 -22.35 18.42
N CYS B 199 -20.00 -22.01 18.02
CA CYS B 199 -19.71 -20.76 17.34
C CYS B 199 -18.92 -20.99 16.06
N LEU B 200 -19.15 -20.17 15.05
CA LEU B 200 -18.26 -20.12 13.90
C LEU B 200 -18.04 -18.70 13.42
N LEU B 201 -16.98 -18.52 12.63
CA LEU B 201 -16.61 -17.22 12.10
C LEU B 201 -16.05 -17.41 10.70
N ARG B 202 -16.61 -16.69 9.74
CA ARG B 202 -16.08 -16.78 8.38
C ARG B 202 -14.63 -16.29 8.36
N GLU B 203 -13.76 -17.05 7.70
CA GLU B 203 -12.34 -16.74 7.62
C GLU B 203 -11.91 -16.30 6.23
N ASP B 204 -12.85 -15.91 5.37
CA ASP B 204 -12.57 -15.41 4.03
C ASP B 204 -12.87 -13.92 3.90
N GLN B 205 -12.65 -13.15 4.97
CA GLN B 205 -12.95 -11.73 4.92
C GLN B 205 -11.89 -11.01 4.10
N GLY B 206 -12.27 -9.87 3.55
CA GLY B 206 -11.34 -9.06 2.83
C GLY B 206 -11.87 -8.74 1.46
N TRP B 207 -10.96 -8.27 0.61
CA TRP B 207 -11.31 -7.77 -0.71
C TRP B 207 -11.21 -8.87 -1.76
N TYR B 208 -12.11 -8.79 -2.74
CA TYR B 208 -12.09 -9.63 -3.93
C TYR B 208 -12.19 -8.71 -5.13
N CYS B 209 -11.43 -9.00 -6.19
CA CYS B 209 -11.56 -8.22 -7.41
C CYS B 209 -11.45 -9.17 -8.59
N GLN B 210 -12.21 -8.88 -9.65
CA GLN B 210 -12.06 -9.60 -10.91
C GLN B 210 -11.07 -8.92 -11.83
N ASN B 211 -10.44 -9.74 -12.67
CA ASN B 211 -9.57 -9.22 -13.73
C ASN B 211 -9.34 -10.31 -14.76
N ALA B 212 -9.62 -10.01 -16.03
CA ALA B 212 -9.31 -10.91 -17.17
C ALA B 212 -9.69 -12.37 -16.90
N GLY B 213 -10.89 -12.59 -16.40
CA GLY B 213 -11.39 -13.93 -16.24
C GLY B 213 -11.23 -14.56 -14.87
N SER B 214 -10.43 -13.99 -13.98
CA SER B 214 -10.24 -14.62 -12.68
C SER B 214 -10.67 -13.71 -11.54
N THR B 215 -10.91 -14.34 -10.40
CA THR B 215 -11.17 -13.63 -9.16
C THR B 215 -9.98 -13.78 -8.24
N VAL B 216 -9.53 -12.65 -7.71
CA VAL B 216 -8.41 -12.60 -6.80
C VAL B 216 -8.91 -12.20 -5.41
N TYR B 217 -8.49 -12.96 -4.39
CA TYR B 217 -8.80 -12.69 -3.01
C TYR B 217 -7.60 -12.02 -2.37
N TYR B 218 -7.81 -10.87 -1.73
CA TYR B 218 -6.78 -10.15 -1.02
C TYR B 218 -7.04 -10.31 0.48
N PRO B 219 -6.41 -11.28 1.14
CA PRO B 219 -6.76 -11.57 2.53
C PRO B 219 -6.22 -10.59 3.57
N ASN B 220 -5.32 -9.67 3.21
CA ASN B 220 -4.60 -8.90 4.21
C ASN B 220 -4.90 -7.40 4.12
N GLU B 221 -4.76 -6.74 5.27
CA GLU B 221 -5.19 -5.35 5.44
C GLU B 221 -4.41 -4.38 4.56
N LYS B 222 -3.10 -4.57 4.46
CA LYS B 222 -2.26 -3.65 3.71
C LYS B 222 -2.31 -3.87 2.20
N ASP B 223 -3.10 -4.83 1.70
CA ASP B 223 -3.04 -5.13 0.28
C ASP B 223 -3.90 -4.20 -0.56
N CYS B 224 -4.94 -3.60 0.02
CA CYS B 224 -5.91 -2.80 -0.71
C CYS B 224 -6.22 -1.55 0.12
N GLU B 225 -6.61 -0.48 -0.56
CA GLU B 225 -6.97 0.78 0.08
C GLU B 225 -8.02 1.46 -0.76
N THR B 226 -9.08 1.96 -0.14
CA THR B 226 -10.15 2.61 -0.88
C THR B 226 -9.98 4.12 -0.94
N ARG B 227 -10.56 4.69 -1.99
CA ARG B 227 -10.77 6.13 -2.17
C ARG B 227 -12.13 6.21 -2.84
N GLY B 228 -13.15 6.59 -2.07
CA GLY B 228 -14.51 6.58 -2.58
C GLY B 228 -14.86 5.20 -3.08
N ASP B 229 -15.38 5.15 -4.30
CA ASP B 229 -15.80 3.91 -4.94
C ASP B 229 -14.66 3.03 -5.41
N HIS B 230 -13.44 3.52 -5.39
CA HIS B 230 -12.32 2.82 -6.01
C HIS B 230 -11.50 2.16 -4.94
N VAL B 231 -11.00 0.97 -5.23
CA VAL B 231 -10.15 0.30 -4.28
C VAL B 231 -8.86 -0.05 -5.01
N PHE B 232 -7.74 0.44 -4.48
CA PHE B 232 -6.42 0.21 -5.04
C PHE B 232 -5.85 -1.05 -4.43
N CYS B 233 -5.59 -2.06 -5.25
CA CYS B 233 -5.00 -3.29 -4.77
C CYS B 233 -3.73 -3.61 -5.54
N ASP B 234 -2.81 -4.30 -4.89
CA ASP B 234 -1.61 -4.80 -5.52
C ASP B 234 -1.85 -6.25 -5.90
N THR B 235 -1.82 -6.54 -7.20
CA THR B 235 -2.16 -7.90 -7.65
C THR B 235 -1.24 -8.95 -7.03
N ALA B 236 0.04 -8.61 -6.82
CA ALA B 236 0.99 -9.57 -6.24
C ALA B 236 0.66 -9.95 -4.81
N ALA B 237 -0.28 -9.26 -4.18
CA ALA B 237 -0.66 -9.56 -2.81
C ALA B 237 -1.85 -10.51 -2.69
N GLY B 238 -2.45 -10.94 -3.81
CA GLY B 238 -3.68 -11.70 -3.75
C GLY B 238 -3.46 -13.17 -4.08
N ILE B 239 -4.50 -13.97 -3.84
CA ILE B 239 -4.55 -15.37 -4.23
C ILE B 239 -5.68 -15.53 -5.22
N ASN B 240 -5.40 -16.17 -6.36
CA ASN B 240 -6.48 -16.46 -7.31
C ASN B 240 -7.35 -17.55 -6.72
N VAL B 241 -8.67 -17.34 -6.73
CA VAL B 241 -9.63 -18.29 -6.16
C VAL B 241 -10.71 -18.59 -7.20
N ALA B 242 -11.34 -19.76 -7.06
CA ALA B 242 -12.40 -20.14 -7.98
C ALA B 242 -13.55 -19.15 -7.89
N GLU B 243 -14.16 -18.87 -9.04
CA GLU B 243 -15.40 -18.11 -9.05
C GLU B 243 -16.43 -18.74 -8.12
N GLN B 244 -16.42 -20.07 -8.01
CA GLN B 244 -17.37 -20.72 -7.11
C GLN B 244 -17.24 -20.19 -5.69
N SER B 245 -16.12 -19.56 -5.35
CA SER B 245 -15.95 -19.00 -4.02
C SER B 245 -17.04 -17.99 -3.68
N LYS B 246 -17.71 -17.40 -4.66
CA LYS B 246 -18.75 -16.45 -4.27
C LYS B 246 -19.95 -17.15 -3.65
N GLU B 247 -20.04 -18.48 -3.76
CA GLU B 247 -21.15 -19.19 -3.14
C GLU B 247 -21.13 -19.12 -1.63
N CYS B 248 -19.98 -18.88 -1.02
CA CYS B 248 -19.96 -18.72 0.43
C CYS B 248 -20.86 -17.57 0.87
N ASN B 249 -21.17 -16.64 -0.02
CA ASN B 249 -22.10 -15.57 0.33
C ASN B 249 -23.53 -15.93 0.05
N ILE B 250 -23.80 -17.15 -0.40
CA ILE B 250 -25.10 -17.53 -0.94
C ILE B 250 -25.69 -18.72 -0.19
N ASN B 251 -25.00 -19.86 -0.22
CA ASN B 251 -25.43 -21.08 0.47
C ASN B 251 -24.18 -21.66 1.13
N ILE B 252 -23.81 -21.10 2.28
CA ILE B 252 -22.50 -21.46 2.84
C ILE B 252 -22.54 -22.89 3.41
N SER B 253 -23.72 -23.35 3.82
CA SER B 253 -23.87 -24.67 4.40
C SER B 253 -24.04 -25.75 3.33
N THR B 254 -24.70 -25.41 2.22
CA THR B 254 -25.01 -26.35 1.14
C THR B 254 -23.86 -26.50 0.16
N THR B 255 -23.12 -25.43 -0.09
CA THR B 255 -22.27 -25.37 -1.26
C THR B 255 -21.17 -26.42 -1.17
N ASN B 256 -20.58 -26.71 -2.32
CA ASN B 256 -19.43 -27.61 -2.37
C ASN B 256 -18.09 -26.86 -2.44
N TYR B 257 -18.11 -25.55 -2.56
CA TYR B 257 -16.87 -24.80 -2.37
C TYR B 257 -16.42 -24.91 -0.91
N PRO B 258 -15.12 -24.96 -0.65
CA PRO B 258 -14.65 -25.04 0.76
C PRO B 258 -14.62 -23.69 1.46
N CYS B 259 -15.77 -23.29 1.97
CA CYS B 259 -15.90 -22.04 2.71
C CYS B 259 -15.14 -22.13 4.03
N LYS B 260 -14.15 -21.27 4.20
CA LYS B 260 -13.26 -21.36 5.37
C LYS B 260 -13.91 -20.69 6.57
N VAL B 261 -13.85 -21.37 7.72
CA VAL B 261 -14.37 -20.84 8.98
C VAL B 261 -13.36 -21.15 10.08
N SER B 262 -13.56 -20.49 11.22
CA SER B 262 -13.00 -20.94 12.48
C SER B 262 -14.16 -21.19 13.43
N THR B 263 -13.93 -22.01 14.44
CA THR B 263 -14.99 -22.40 15.36
C THR B 263 -14.57 -22.20 16.80
N GLY B 264 -15.56 -22.15 17.68
CA GLY B 264 -15.29 -22.05 19.09
C GLY B 264 -16.43 -22.63 19.88
N ARG B 265 -16.13 -23.01 21.12
CA ARG B 265 -17.13 -23.43 22.08
C ARG B 265 -17.46 -22.32 23.08
N HIS B 266 -16.93 -21.12 22.88
CA HIS B 266 -17.22 -20.01 23.78
C HIS B 266 -17.33 -18.72 22.98
N PRO B 267 -18.35 -17.91 23.27
CA PRO B 267 -18.63 -16.76 22.41
C PRO B 267 -17.58 -15.65 22.51
N ILE B 268 -17.45 -14.89 21.42
CA ILE B 268 -16.68 -13.65 21.38
C ILE B 268 -17.64 -12.57 20.98
N SER B 269 -17.75 -11.52 21.79
CA SER B 269 -18.49 -10.33 21.40
C SER B 269 -17.54 -9.36 20.71
N MET B 270 -18.00 -8.75 19.62
CA MET B 270 -17.17 -7.74 18.97
C MET B 270 -17.98 -7.05 17.89
N VAL B 271 -17.37 -6.06 17.28
CA VAL B 271 -17.97 -5.22 16.24
C VAL B 271 -17.11 -5.34 14.99
N ALA B 272 -17.70 -5.76 13.89
CA ALA B 272 -17.05 -5.72 12.59
C ALA B 272 -17.69 -4.56 11.79
N LEU B 273 -16.94 -3.48 11.59
CA LEU B 273 -17.47 -2.39 10.78
C LEU B 273 -17.49 -2.81 9.33
N SER B 274 -18.54 -2.42 8.64
CA SER B 274 -18.75 -2.68 7.23
C SER B 274 -18.86 -1.34 6.54
N PRO B 275 -18.69 -1.28 5.23
CA PRO B 275 -18.67 0.06 4.60
C PRO B 275 -19.95 0.87 4.82
N LEU B 276 -21.11 0.22 4.86
CA LEU B 276 -22.38 0.89 5.03
C LEU B 276 -23.04 0.59 6.38
N GLY B 277 -22.30 0.03 7.33
CA GLY B 277 -22.90 -0.25 8.62
C GLY B 277 -21.96 -0.99 9.54
N ALA B 278 -22.54 -1.88 10.34
CA ALA B 278 -21.73 -2.65 11.29
C ALA B 278 -22.45 -3.94 11.60
N LEU B 279 -21.64 -4.97 11.86
CA LEU B 279 -22.09 -6.20 12.47
C LEU B 279 -21.69 -6.17 13.93
N VAL B 280 -22.64 -6.47 14.81
CA VAL B 280 -22.41 -6.49 16.24
C VAL B 280 -22.72 -7.89 16.73
N ALA B 281 -21.69 -8.61 17.18
CA ALA B 281 -21.86 -9.91 17.82
C ALA B 281 -21.93 -9.68 19.31
N CYS B 282 -23.11 -9.83 19.90
CA CYS B 282 -23.34 -9.46 21.29
C CYS B 282 -23.77 -10.69 22.07
N TYR B 283 -22.96 -11.15 23.02
CA TYR B 283 -23.29 -12.39 23.69
C TYR B 283 -23.29 -12.18 25.20
N LYS B 284 -23.56 -13.27 25.92
CA LYS B 284 -23.73 -13.15 27.35
C LYS B 284 -22.45 -12.60 27.95
N GLY B 285 -22.60 -11.64 28.86
CA GLY B 285 -21.48 -11.02 29.54
C GLY B 285 -21.23 -9.57 29.17
N VAL B 286 -21.75 -9.09 28.04
CA VAL B 286 -21.52 -7.72 27.64
C VAL B 286 -22.86 -7.07 27.33
N SER B 287 -22.84 -5.74 27.25
CA SER B 287 -23.99 -4.96 26.84
C SER B 287 -23.61 -4.19 25.58
N CYS B 288 -24.48 -4.22 24.58
CA CYS B 288 -24.26 -3.50 23.33
C CYS B 288 -25.42 -2.55 23.08
N SER B 289 -25.11 -1.40 22.51
CA SER B 289 -26.11 -0.36 22.27
C SER B 289 -25.71 0.42 21.02
N ILE B 290 -26.66 1.15 20.45
CA ILE B 290 -26.35 1.97 19.29
C ILE B 290 -26.72 3.40 19.63
N GLY B 291 -25.97 4.35 19.07
CA GLY B 291 -26.08 5.73 19.47
C GLY B 291 -26.14 6.65 18.27
N SER B 292 -26.51 7.89 18.56
CA SER B 292 -26.61 9.00 17.62
C SER B 292 -25.78 10.18 18.08
N ASN B 293 -25.00 10.78 17.17
CA ASN B 293 -24.24 11.97 17.53
C ASN B 293 -25.14 13.13 17.92
N ARG B 294 -26.44 13.00 17.69
CA ARG B 294 -27.41 14.03 17.99
C ARG B 294 -28.21 13.74 19.25
N VAL B 295 -28.86 12.58 19.33
CA VAL B 295 -29.85 12.31 20.36
C VAL B 295 -29.39 11.26 21.37
N GLY B 296 -28.08 10.97 21.44
CA GLY B 296 -27.58 10.04 22.45
C GLY B 296 -27.89 8.58 22.14
N ILE B 297 -27.89 7.75 23.20
CA ILE B 297 -28.15 6.32 23.04
C ILE B 297 -29.54 6.09 22.48
N ILE B 298 -29.65 5.24 21.45
CA ILE B 298 -30.93 4.94 20.83
C ILE B 298 -31.61 3.75 21.50
N LYS B 299 -30.86 2.70 21.78
CA LYS B 299 -31.47 1.40 21.97
C LYS B 299 -30.37 0.44 22.41
N GLN B 300 -30.66 -0.46 23.35
CA GLN B 300 -29.79 -1.60 23.59
C GLN B 300 -30.11 -2.70 22.60
N LEU B 301 -29.10 -3.49 22.24
CA LEU B 301 -29.27 -4.54 21.25
C LEU B 301 -29.52 -5.87 21.93
N ASN B 302 -30.27 -6.73 21.25
CA ASN B 302 -30.49 -8.05 21.78
C ASN B 302 -29.24 -8.91 21.59
N LYS B 303 -29.24 -10.05 22.28
CA LYS B 303 -28.10 -10.93 22.17
C LYS B 303 -28.16 -11.66 20.84
N GLY B 304 -27.00 -12.03 20.32
CA GLY B 304 -26.89 -12.61 19.00
C GLY B 304 -26.20 -11.63 18.04
N CYS B 305 -26.29 -11.96 16.76
CA CYS B 305 -25.66 -11.16 15.72
C CYS B 305 -26.66 -10.13 15.19
N SER B 306 -26.30 -8.86 15.26
CA SER B 306 -27.16 -7.80 14.80
C SER B 306 -26.43 -6.99 13.74
N TYR B 307 -27.15 -6.61 12.69
CA TYR B 307 -26.64 -5.77 11.63
C TYR B 307 -27.21 -4.37 11.78
N ILE B 308 -26.34 -3.37 11.83
CA ILE B 308 -26.73 -1.98 12.05
C ILE B 308 -26.31 -1.17 10.83
N THR B 309 -27.19 -0.32 10.35
CA THR B 309 -26.99 0.52 9.19
C THR B 309 -26.44 1.89 9.59
N ASN B 310 -25.63 2.50 8.72
CA ASN B 310 -25.15 3.84 9.09
C ASN B 310 -26.22 4.92 9.01
N GLN B 311 -27.43 4.59 8.55
CA GLN B 311 -28.59 5.46 8.67
C GLN B 311 -29.42 5.16 9.90
N ASP B 312 -29.27 3.95 10.46
CA ASP B 312 -29.87 3.59 11.74
C ASP B 312 -29.14 4.20 12.93
N ALA B 313 -27.86 4.55 12.76
CA ALA B 313 -27.02 4.93 13.90
C ALA B 313 -25.80 5.67 13.39
N ASP B 314 -25.12 6.31 14.33
CA ASP B 314 -23.79 6.85 14.10
C ASP B 314 -22.71 6.10 14.87
N THR B 315 -23.07 5.45 15.98
CA THR B 315 -22.12 4.67 16.77
C THR B 315 -22.77 3.38 17.19
N VAL B 316 -21.94 2.34 17.39
CA VAL B 316 -22.33 1.13 18.10
C VAL B 316 -21.28 0.91 19.17
N THR B 317 -21.71 0.41 20.32
CA THR B 317 -20.77 0.21 21.42
C THR B 317 -20.92 -1.18 21.98
N ILE B 318 -19.80 -1.75 22.41
CA ILE B 318 -19.81 -2.94 23.24
C ILE B 318 -19.27 -2.54 24.58
N ASP B 319 -20.11 -2.63 25.61
CA ASP B 319 -19.81 -2.08 26.93
C ASP B 319 -19.49 -0.61 26.77
N ASN B 320 -18.25 -0.19 27.02
CA ASN B 320 -17.94 1.22 26.82
C ASN B 320 -17.15 1.47 25.55
N THR B 321 -16.79 0.43 24.80
CA THR B 321 -15.98 0.62 23.61
C THR B 321 -16.84 1.13 22.46
N VAL B 322 -16.53 2.33 21.98
CA VAL B 322 -17.30 3.00 20.92
C VAL B 322 -16.66 2.73 19.58
N TYR B 323 -17.51 2.44 18.58
CA TYR B 323 -17.16 2.30 17.17
C TYR B 323 -18.00 3.28 16.37
N GLN B 324 -17.36 4.18 15.64
CA GLN B 324 -18.06 5.13 14.78
C GLN B 324 -18.37 4.49 13.43
N LEU B 325 -19.62 4.57 13.01
CA LEU B 325 -20.05 4.11 11.70
C LEU B 325 -19.59 5.10 10.61
N SER B 326 -19.56 4.62 9.36
CA SER B 326 -19.24 5.48 8.25
C SER B 326 -20.43 6.37 7.88
N LYS B 327 -20.19 7.33 7.00
CA LYS B 327 -21.28 8.14 6.45
C LYS B 327 -21.40 7.96 4.94
N GLN B 328 -21.08 6.77 4.44
CA GLN B 328 -21.17 6.51 3.02
C GLN B 328 -22.58 6.10 2.65
N GLU B 329 -23.08 6.63 1.54
CA GLU B 329 -24.43 6.28 1.12
C GLU B 329 -24.42 5.06 0.23
N GLY B 330 -25.54 4.35 0.20
CA GLY B 330 -25.66 3.10 -0.53
C GLY B 330 -26.83 2.31 0.03
N GLU B 331 -27.22 1.29 -0.71
CA GLU B 331 -28.40 0.54 -0.34
C GLU B 331 -28.02 -0.64 0.53
N GLN B 332 -28.81 -0.87 1.57
CA GLN B 332 -28.61 -1.99 2.47
C GLN B 332 -29.75 -2.98 2.26
N HIS B 333 -29.43 -4.27 2.29
CA HIS B 333 -30.40 -5.34 2.05
C HIS B 333 -30.11 -6.49 3.00
N VAL B 334 -31.15 -7.10 3.55
CA VAL B 334 -30.99 -8.28 4.38
C VAL B 334 -31.33 -9.51 3.54
N ILE B 335 -30.48 -10.52 3.59
CA ILE B 335 -30.73 -11.77 2.94
C ILE B 335 -31.00 -12.77 4.06
N LYS B 336 -32.27 -12.99 4.38
CA LYS B 336 -32.62 -13.79 5.53
C LYS B 336 -32.22 -15.25 5.35
N GLY B 337 -31.97 -15.89 6.47
CA GLY B 337 -31.70 -17.32 6.50
C GLY B 337 -31.43 -17.74 7.92
N ARG B 338 -31.70 -19.00 8.24
CA ARG B 338 -31.37 -19.50 9.55
C ARG B 338 -29.85 -19.48 9.73
N PRO B 339 -29.33 -18.90 10.80
CA PRO B 339 -27.88 -18.95 11.04
C PRO B 339 -27.40 -20.39 11.05
N VAL B 340 -26.31 -20.64 10.33
CA VAL B 340 -25.77 -21.99 10.28
C VAL B 340 -25.41 -22.48 11.67
N SER B 341 -24.87 -21.60 12.51
CA SER B 341 -24.43 -22.02 13.84
C SER B 341 -25.59 -22.59 14.67
N SER B 342 -26.81 -22.14 14.44
CA SER B 342 -27.93 -22.62 15.24
C SER B 342 -28.38 -24.02 14.85
N SER B 343 -27.85 -24.57 13.76
CA SER B 343 -28.05 -25.98 13.43
C SER B 343 -27.05 -26.88 14.12
N PHE B 344 -26.27 -26.37 15.06
CA PHE B 344 -25.29 -27.17 15.78
C PHE B 344 -25.82 -27.53 17.16
N ASP B 345 -25.50 -28.71 17.59
CA ASP B 345 -25.76 -29.14 18.94
C ASP B 345 -24.53 -28.82 19.77
N PRO B 346 -24.55 -27.76 20.59
CA PRO B 346 -23.36 -27.43 21.41
C PRO B 346 -22.77 -28.61 22.18
N ASP B 347 -23.57 -29.63 22.52
CA ASP B 347 -23.04 -30.79 23.23
C ASP B 347 -22.33 -31.78 22.31
N LYS B 348 -22.41 -31.61 20.98
CA LYS B 348 -21.67 -32.46 20.05
C LYS B 348 -20.72 -31.66 19.15
N PHE B 349 -20.36 -30.46 19.55
CA PHE B 349 -19.52 -29.62 18.73
C PHE B 349 -18.05 -30.03 18.85
N PRO B 350 -17.28 -29.93 17.78
CA PRO B 350 -15.86 -30.34 17.85
C PRO B 350 -14.97 -29.42 18.68
N GLU B 351 -13.67 -29.73 18.77
CA GLU B 351 -12.71 -28.83 19.37
C GLU B 351 -12.49 -27.62 18.46
N ASP B 352 -12.01 -26.52 19.07
CA ASP B 352 -11.78 -25.27 18.36
C ASP B 352 -10.92 -25.49 17.12
N GLN B 353 -11.39 -24.98 15.98
CA GLN B 353 -10.74 -25.16 14.69
C GLN B 353 -10.35 -23.80 14.16
N PHE B 354 -9.20 -23.72 13.50
CA PHE B 354 -8.71 -22.47 12.93
C PHE B 354 -8.59 -22.66 11.43
N ASN B 355 -9.39 -21.91 10.66
CA ASN B 355 -9.25 -21.86 9.20
C ASN B 355 -9.39 -23.25 8.56
N VAL B 356 -10.55 -23.85 8.73
CA VAL B 356 -10.85 -25.15 8.12
C VAL B 356 -12.06 -25.00 7.21
N ALA B 357 -12.15 -25.85 6.20
CA ALA B 357 -13.34 -25.84 5.36
C ALA B 357 -14.54 -26.18 6.23
N LEU B 358 -15.65 -25.50 5.98
CA LEU B 358 -16.83 -25.66 6.83
C LEU B 358 -17.35 -27.08 6.80
N ASP B 359 -17.31 -27.72 5.63
CA ASP B 359 -17.83 -29.08 5.55
C ASP B 359 -17.01 -30.06 6.38
N GLN B 360 -15.76 -29.72 6.71
CA GLN B 360 -14.99 -30.58 7.62
C GLN B 360 -15.45 -30.43 9.06
N VAL B 361 -16.14 -29.33 9.38
CA VAL B 361 -16.76 -29.19 10.70
C VAL B 361 -17.96 -30.11 10.81
N PHE B 362 -18.81 -30.14 9.78
CA PHE B 362 -19.94 -31.07 9.77
C PHE B 362 -19.47 -32.51 9.74
N GLU B 363 -18.47 -32.81 8.91
CA GLU B 363 -17.85 -34.12 8.93
C GLU B 363 -17.38 -34.49 10.33
N SER B 364 -16.75 -33.54 11.03
CA SER B 364 -16.24 -33.83 12.35
C SER B 364 -17.35 -34.25 13.31
N ILE B 365 -18.51 -33.62 13.19
CA ILE B 365 -19.62 -33.93 14.08
C ILE B 365 -20.19 -35.31 13.80
N GLU B 366 -20.39 -35.64 12.53
CA GLU B 366 -21.00 -36.92 12.21
C GLU B 366 -20.02 -38.10 12.37
N ASN B 367 -18.73 -37.91 12.12
CA ASN B 367 -17.78 -39.00 12.35
C ASN B 367 -17.46 -39.18 13.83
N SER B 368 -17.66 -38.16 14.65
CA SER B 368 -17.59 -38.35 16.09
C SER B 368 -18.75 -39.22 16.60
N GLN B 369 -19.92 -39.16 15.93
CA GLN B 369 -21.12 -39.87 16.36
C GLN B 369 -21.29 -41.26 15.75
C1 NAG C . -25.59 -22.64 -4.30
C2 NAG C . -25.91 -23.90 -5.11
C3 NAG C . -25.46 -23.75 -6.57
C4 NAG C . -25.99 -22.46 -7.19
C5 NAG C . -25.58 -21.27 -6.33
C6 NAG C . -26.04 -19.91 -6.86
C7 NAG C . -25.97 -26.08 -3.94
C8 NAG C . -25.15 -27.23 -3.42
N2 NAG C . -25.29 -25.09 -4.53
O3 NAG C . -25.92 -24.88 -7.31
O4 NAG C . -25.43 -22.30 -8.50
O5 NAG C . -26.11 -21.43 -5.00
O6 NAG C . -27.45 -19.78 -7.06
O7 NAG C . -27.19 -26.05 -3.82
C1 NAG C . -26.37 -22.52 -9.59
C2 NAG C . -25.72 -22.00 -10.90
C3 NAG C . -26.67 -22.22 -12.09
C4 NAG C . -27.18 -23.67 -12.14
C5 NAG C . -27.72 -24.12 -10.78
C6 NAG C . -28.12 -25.58 -10.74
C7 NAG C . -24.10 -20.14 -10.86
C8 NAG C . -23.92 -18.66 -10.71
N2 NAG C . -25.36 -20.60 -10.78
O3 NAG C . -25.98 -21.90 -13.30
O4 NAG C . -28.24 -23.76 -13.09
O5 NAG C . -26.75 -23.91 -9.75
O6 NAG C . -27.20 -26.41 -11.45
O7 NAG C . -23.15 -20.90 -11.07
C1 BMA C . -27.81 -24.40 -14.33
C2 BMA C . -29.08 -24.87 -15.13
C3 BMA C . -28.65 -25.60 -16.41
C4 BMA C . -27.53 -24.79 -17.25
C5 BMA C . -26.36 -24.16 -16.33
C6 BMA C . -25.44 -23.07 -17.02
O2 BMA C . -29.92 -23.77 -15.51
O3 BMA C . -29.80 -25.97 -17.21
O4 BMA C . -26.97 -25.64 -18.27
O5 BMA C . -26.95 -23.54 -15.15
O6 BMA C . -24.70 -23.61 -18.11
C1 NAG D . 39.29 18.99 -10.68
C2 NAG D . 40.86 18.72 -10.75
C3 NAG D . 41.19 17.33 -11.38
C4 NAG D . 40.25 16.22 -10.91
C5 NAG D . 38.81 16.65 -11.13
C6 NAG D . 37.79 15.59 -10.79
C7 NAG D . 41.37 21.10 -11.47
C8 NAG D . 42.27 21.91 -12.36
N2 NAG D . 41.58 19.77 -11.49
O3 NAG D . 42.52 16.96 -11.04
O4 NAG D . 40.49 15.04 -11.69
O5 NAG D . 38.58 17.76 -10.27
O6 NAG D . 37.85 15.23 -9.41
O7 NAG D . 40.49 21.62 -10.80
C1 NAG E . 24.19 32.91 -12.20
C2 NAG E . 22.99 33.78 -11.81
C3 NAG E . 22.07 34.00 -13.02
C4 NAG E . 22.87 34.56 -14.20
C5 NAG E . 24.07 33.68 -14.51
C6 NAG E . 24.97 34.26 -15.59
C7 NAG E . 22.48 33.51 -9.42
C8 NAG E . 21.61 32.82 -8.41
N2 NAG E . 22.25 33.20 -10.70
O3 NAG E . 21.02 34.88 -12.68
O4 NAG E . 22.05 34.67 -15.36
O5 NAG E . 24.89 33.52 -13.33
O6 NAG E . 26.08 33.42 -15.83
O7 NAG E . 23.36 34.30 -9.08
#